data_7AYM
#
_entry.id   7AYM
#
_cell.length_a   41.75
_cell.length_b   85.355
_cell.length_c   89.541
_cell.angle_alpha   90
_cell.angle_beta   90
_cell.angle_gamma   90
#
_symmetry.space_group_name_H-M   'P 21 21 21'
#
loop_
_entity.id
_entity.type
_entity.pdbx_description
1 polymer 'Discoidin domain-containing receptor 2,Epithelial discoidin domain-containing receptor 1'
2 non-polymer N-[5-({[(3-fluorophenyl)carbamoyl]amino}methyl)-2-methylphenyl]imidazo[1,2-a]pyridine-3-carboxamide
3 water water
#
_entity_poly.entity_id   1
_entity_poly.type   'polypeptide(L)'
_entity_poly.pdbx_seq_one_letter_code
;MGSSHHHHHHDYDIPTTENLYFQGPRVDFPRKLLTFKEKLGEGQFGEVHLCEVEGMEKFKDKDFALDVSANQPVLVAVKM
LRADANKNARNDFLKEIKIMSRLKDPNIIHLLAVCITDDPLCMITEYMENGDLNQFLSRHQLEDKAAEGAPGDGQAAQGP
TVSYTNLKFMATQIASGMKYLSSLNFVHRDLATRNCLVGKNYTIKIADFGMSRNLYSGDYYRIQGRAVLPIRWMSWESIL
LGKFTTASDVWAFGVTLWETFTFCQEQPYSQLSDEQVIENTGEFFRDQGRQTYLPQPAICPDSVYELMLSCWRRDTKNRP
SFQEIHRLLAEDALNTV
;
_entity_poly.pdbx_strand_id   A
#
loop_
_chem_comp.id
_chem_comp.type
_chem_comp.name
_chem_comp.formula
4VD non-polymer N-[5-({[(3-fluorophenyl)carbamoyl]amino}methyl)-2-methylphenyl]imidazo[1,2-a]pyridine-3-carboxamide 'C23 H20 F N5 O2'
#
# COMPACT_ATOMS: atom_id res chain seq x y z
N GLY A 24 -12.29 7.13 -17.64
CA GLY A 24 -11.06 6.52 -17.14
C GLY A 24 -9.76 7.05 -17.73
N PRO A 25 -8.73 6.17 -17.89
CA PRO A 25 -7.44 6.64 -18.45
C PRO A 25 -7.49 6.95 -19.94
N ARG A 26 -6.55 7.79 -20.44
CA ARG A 26 -6.45 8.13 -21.86
C ARG A 26 -6.02 6.89 -22.63
N VAL A 27 -6.91 6.37 -23.48
CA VAL A 27 -6.63 5.19 -24.30
C VAL A 27 -5.62 5.57 -25.41
N ASP A 28 -4.49 4.88 -25.42
CA ASP A 28 -3.37 5.06 -26.37
C ASP A 28 -2.81 6.49 -26.43
N PHE A 29 -1.94 6.79 -25.46
CA PHE A 29 -1.23 8.05 -25.36
C PHE A 29 0.02 7.89 -26.29
N PRO A 30 0.48 8.92 -27.05
CA PRO A 30 1.67 8.72 -27.90
C PRO A 30 2.94 8.45 -27.08
N ARG A 31 3.52 7.25 -27.28
CA ARG A 31 4.71 6.76 -26.57
C ARG A 31 5.92 7.70 -26.74
N LYS A 32 6.11 8.22 -27.95
CA LYS A 32 7.19 9.12 -28.32
C LYS A 32 7.10 10.48 -27.62
N LEU A 33 6.04 10.69 -26.81
CA LEU A 33 5.82 11.91 -26.02
C LEU A 33 6.42 11.74 -24.62
N LEU A 34 6.89 10.52 -24.32
CA LEU A 34 7.51 10.14 -23.04
C LEU A 34 9.04 10.04 -23.14
N THR A 35 9.74 10.85 -22.32
CA THR A 35 11.20 10.90 -22.27
C THR A 35 11.77 10.25 -21.00
N PHE A 36 12.47 9.10 -21.14
CA PHE A 36 13.12 8.37 -20.05
C PHE A 36 14.04 9.27 -19.19
N LYS A 37 13.94 9.09 -17.87
CA LYS A 37 14.75 9.75 -16.86
C LYS A 37 15.51 8.67 -16.08
N GLU A 38 14.79 7.64 -15.52
CA GLU A 38 15.37 6.52 -14.78
C GLU A 38 14.38 5.43 -14.42
N LYS A 39 14.82 4.16 -14.40
CA LYS A 39 13.95 3.04 -13.96
C LYS A 39 13.92 3.01 -12.41
N LEU A 40 12.71 2.84 -11.84
CA LEU A 40 12.42 2.86 -10.40
C LEU A 40 12.11 1.45 -9.78
N GLY A 41 12.29 0.41 -10.60
CA GLY A 41 12.04 -0.99 -10.28
C GLY A 41 11.97 -1.84 -11.52
N GLU A 42 12.16 -3.16 -11.37
CA GLU A 42 12.11 -4.11 -12.49
C GLU A 42 11.26 -5.36 -12.20
N GLY A 43 10.14 -5.14 -11.49
CA GLY A 43 9.14 -6.14 -11.12
C GLY A 43 7.78 -5.87 -11.71
N PHE A 45 4.07 -6.91 -15.67
CA PHE A 45 5.41 -7.31 -15.29
C PHE A 45 6.45 -7.08 -16.40
N GLY A 46 7.41 -6.22 -16.09
CA GLY A 46 8.54 -5.87 -16.95
C GLY A 46 9.46 -5.03 -16.09
N GLU A 47 9.32 -3.69 -16.21
CA GLU A 47 10.02 -2.68 -15.39
C GLU A 47 9.27 -1.34 -15.41
N VAL A 48 9.45 -0.54 -14.31
CA VAL A 48 8.85 0.78 -14.07
C VAL A 48 9.87 1.92 -14.30
N HIS A 49 9.55 2.86 -15.22
CA HIS A 49 10.41 4.00 -15.58
C HIS A 49 9.82 5.36 -15.16
N LEU A 50 10.70 6.32 -14.82
CA LEU A 50 10.36 7.72 -14.58
C LEU A 50 10.57 8.38 -15.92
N CYS A 51 9.55 9.08 -16.39
CA CYS A 51 9.53 9.73 -17.69
C CYS A 51 9.07 11.19 -17.61
N GLU A 52 9.49 12.00 -18.60
CA GLU A 52 9.16 13.41 -18.77
C GLU A 52 8.16 13.46 -19.91
N VAL A 53 6.93 14.00 -19.67
CA VAL A 53 5.93 14.14 -20.73
C VAL A 53 6.28 15.45 -21.46
N GLU A 54 7.07 15.31 -22.54
CA GLU A 54 7.59 16.41 -23.36
C GLU A 54 6.52 17.21 -24.16
N GLY A 55 6.75 18.52 -24.24
CA GLY A 55 5.88 19.48 -24.91
C GLY A 55 4.83 20.08 -24.01
N MET A 56 3.82 20.72 -24.62
CA MET A 56 2.69 21.36 -23.95
C MET A 56 1.65 20.33 -23.50
N SER A 69 3.32 22.69 -19.50
CA SER A 69 2.85 23.15 -18.19
C SER A 69 3.67 24.33 -17.62
N ALA A 70 3.12 25.00 -16.56
CA ALA A 70 3.61 26.17 -15.85
C ALA A 70 5.13 26.42 -15.94
N ASN A 71 5.92 25.75 -15.07
CA ASN A 71 7.37 25.89 -15.02
C ASN A 71 8.04 24.54 -15.37
N GLN A 72 7.69 23.51 -14.60
CA GLN A 72 8.19 22.16 -14.74
C GLN A 72 7.14 21.29 -15.48
N PRO A 73 7.54 20.45 -16.48
CA PRO A 73 6.55 19.55 -17.11
C PRO A 73 6.18 18.36 -16.20
N VAL A 74 5.13 17.62 -16.57
CA VAL A 74 4.67 16.48 -15.78
C VAL A 74 5.62 15.27 -15.97
N LEU A 75 6.04 14.69 -14.83
CA LEU A 75 6.88 13.49 -14.75
C LEU A 75 5.95 12.35 -14.37
N VAL A 76 6.05 11.22 -15.08
CA VAL A 76 5.18 10.05 -14.87
C VAL A 76 5.96 8.77 -14.59
N ALA A 77 5.24 7.74 -14.11
CA ALA A 77 5.75 6.41 -13.89
C ALA A 77 5.10 5.52 -14.97
N VAL A 78 5.94 4.83 -15.75
CA VAL A 78 5.46 3.97 -16.82
C VAL A 78 5.82 2.52 -16.53
N LYS A 79 4.80 1.66 -16.43
CA LYS A 79 4.92 0.23 -16.16
C LYS A 79 4.71 -0.50 -17.48
N MET A 80 5.79 -1.01 -18.13
CA MET A 80 5.69 -1.74 -19.41
C MET A 80 5.94 -3.24 -19.21
N LEU A 81 5.02 -4.07 -19.72
CA LEU A 81 5.04 -5.54 -19.70
C LEU A 81 6.15 -6.10 -20.62
N ARG A 82 6.85 -7.20 -20.19
CA ARG A 82 7.95 -7.89 -20.93
C ARG A 82 7.58 -8.33 -22.37
N ALA A 83 8.60 -8.46 -23.25
CA ALA A 83 8.42 -8.82 -24.67
C ALA A 83 7.91 -10.25 -24.87
N ASP A 84 8.60 -11.23 -24.26
CA ASP A 84 8.28 -12.66 -24.27
C ASP A 84 6.76 -12.89 -24.11
N ALA A 85 6.20 -12.34 -23.00
CA ALA A 85 4.80 -12.30 -22.57
C ALA A 85 3.93 -13.53 -22.88
N ASN A 86 3.68 -14.35 -21.85
CA ASN A 86 2.80 -15.53 -21.94
C ASN A 86 1.36 -15.05 -21.77
N LYS A 87 0.39 -15.60 -22.55
CA LYS A 87 -1.03 -15.23 -22.55
C LYS A 87 -1.55 -14.82 -21.16
N ASN A 88 -1.39 -15.70 -20.15
CA ASN A 88 -1.81 -15.49 -18.75
C ASN A 88 -1.16 -14.27 -18.10
N ALA A 89 0.15 -14.04 -18.34
CA ALA A 89 0.90 -12.87 -17.84
C ALA A 89 0.45 -11.58 -18.54
N ARG A 90 0.12 -11.69 -19.86
CA ARG A 90 -0.39 -10.60 -20.71
C ARG A 90 -1.77 -10.20 -20.15
N ASN A 91 -2.61 -11.21 -19.81
CA ASN A 91 -3.94 -11.09 -19.23
C ASN A 91 -3.93 -10.48 -17.84
N ASP A 92 -2.90 -10.84 -17.03
CA ASP A 92 -2.67 -10.35 -15.67
C ASP A 92 -2.50 -8.83 -15.67
N PHE A 93 -1.71 -8.32 -16.63
CA PHE A 93 -1.43 -6.90 -16.82
C PHE A 93 -2.73 -6.14 -17.13
N LEU A 94 -3.56 -6.70 -18.00
CA LEU A 94 -4.81 -6.07 -18.41
C LEU A 94 -5.85 -6.12 -17.30
N LYS A 95 -5.75 -7.12 -16.41
CA LYS A 95 -6.60 -7.28 -15.23
C LYS A 95 -6.19 -6.17 -14.22
N GLU A 96 -4.88 -5.82 -14.16
CA GLU A 96 -4.35 -4.76 -13.30
C GLU A 96 -4.94 -3.42 -13.72
N ILE A 97 -5.02 -3.17 -15.05
CA ILE A 97 -5.61 -1.97 -15.64
C ILE A 97 -7.08 -1.97 -15.29
N LYS A 98 -7.81 -3.10 -15.50
CA LYS A 98 -9.24 -3.26 -15.16
C LYS A 98 -9.53 -2.81 -13.74
N ILE A 99 -8.67 -3.19 -12.75
CA ILE A 99 -8.83 -2.77 -11.35
C ILE A 99 -8.41 -1.28 -11.19
N MET A 100 -7.21 -0.93 -11.68
CA MET A 100 -6.63 0.42 -11.60
C MET A 100 -7.42 1.56 -12.31
N SER A 101 -8.24 1.23 -13.30
CA SER A 101 -9.01 2.21 -14.10
C SER A 101 -10.36 2.62 -13.49
N ARG A 102 -10.60 2.22 -12.22
CA ARG A 102 -11.79 2.49 -11.43
C ARG A 102 -11.47 3.42 -10.27
N LEU A 103 -10.20 3.59 -9.96
CA LEU A 103 -9.81 4.43 -8.82
C LEU A 103 -9.72 5.91 -9.18
N LYS A 104 -10.39 6.79 -8.39
CA LYS A 104 -10.39 8.25 -8.56
C LYS A 104 -10.55 8.93 -7.19
N ASP A 105 -9.41 9.03 -6.47
CA ASP A 105 -9.32 9.62 -5.14
C ASP A 105 -8.00 10.39 -4.97
N PRO A 106 -7.95 11.52 -4.22
CA PRO A 106 -6.68 12.26 -4.05
C PRO A 106 -5.63 11.50 -3.22
N ASN A 107 -6.04 10.39 -2.64
CA ASN A 107 -5.17 9.57 -1.80
C ASN A 107 -5.09 8.13 -2.29
N ILE A 108 -5.44 7.93 -3.57
CA ILE A 108 -5.32 6.67 -4.29
C ILE A 108 -4.47 6.95 -5.52
N ILE A 109 -3.58 6.01 -5.92
CA ILE A 109 -2.74 6.20 -7.11
C ILE A 109 -3.63 6.42 -8.36
N HIS A 110 -3.14 7.19 -9.36
CA HIS A 110 -3.99 7.43 -10.50
C HIS A 110 -3.44 6.96 -11.84
N LEU A 111 -4.30 6.23 -12.56
CA LEU A 111 -4.04 5.71 -13.89
C LEU A 111 -4.47 6.80 -14.91
N LEU A 112 -3.48 7.56 -15.38
CA LEU A 112 -3.58 8.66 -16.31
C LEU A 112 -3.86 8.18 -17.75
N ALA A 113 -3.06 7.18 -18.20
CA ALA A 113 -3.11 6.64 -19.55
C ALA A 113 -2.69 5.17 -19.63
N VAL A 114 -3.04 4.55 -20.76
CA VAL A 114 -2.69 3.18 -21.10
C VAL A 114 -2.29 3.09 -22.57
N CYS A 115 -1.08 2.56 -22.83
CA CYS A 115 -0.59 2.34 -24.18
C CYS A 115 -0.91 0.87 -24.44
N ILE A 116 -2.00 0.59 -25.18
CA ILE A 116 -2.51 -0.77 -25.38
C ILE A 116 -2.69 -1.22 -26.87
N THR A 117 -2.43 -0.32 -27.86
CA THR A 117 -2.57 -0.57 -29.30
C THR A 117 -1.64 -1.73 -29.72
N ASP A 118 -0.31 -1.50 -29.65
CA ASP A 118 0.77 -2.44 -29.98
C ASP A 118 1.62 -2.68 -28.74
N ASP A 119 2.46 -3.74 -28.75
CA ASP A 119 3.34 -4.13 -27.64
C ASP A 119 4.56 -3.20 -27.51
N PRO A 120 5.12 -2.93 -26.29
CA PRO A 120 4.70 -3.41 -24.97
C PRO A 120 3.49 -2.68 -24.43
N LEU A 121 2.62 -3.41 -23.74
CA LEU A 121 1.46 -2.77 -23.11
C LEU A 121 2.01 -1.95 -21.95
N CYS A 122 1.58 -0.71 -21.85
CA CYS A 122 2.04 0.20 -20.79
C CYS A 122 0.86 0.68 -19.99
N MET A 123 1.10 0.97 -18.70
CA MET A 123 0.15 1.65 -17.83
C MET A 123 0.90 2.84 -17.19
N ILE A 124 0.37 4.05 -17.40
CA ILE A 124 0.97 5.32 -16.96
C ILE A 124 0.25 5.90 -15.73
N THR A 125 1.02 6.13 -14.64
CA THR A 125 0.51 6.77 -13.43
C THR A 125 1.31 8.05 -13.14
N GLU A 126 0.85 8.88 -12.21
CA GLU A 126 1.59 10.07 -11.79
C GLU A 126 2.83 9.63 -10.98
N TYR A 127 3.75 10.56 -10.74
CA TYR A 127 4.98 10.27 -10.00
C TYR A 127 5.04 10.94 -8.63
N MET A 128 5.34 10.12 -7.60
CA MET A 128 5.50 10.57 -6.23
C MET A 128 6.99 10.72 -6.02
N GLU A 129 7.48 11.97 -6.06
CA GLU A 129 8.91 12.30 -6.03
C GLU A 129 9.66 11.76 -4.83
N ASN A 130 8.97 11.56 -3.68
CA ASN A 130 9.61 11.08 -2.46
C ASN A 130 9.52 9.55 -2.22
N GLY A 131 9.33 8.77 -3.29
CA GLY A 131 9.31 7.30 -3.25
C GLY A 131 8.24 6.69 -2.37
N ASP A 132 8.58 5.63 -1.58
CA ASP A 132 7.57 5.01 -0.68
C ASP A 132 7.72 5.54 0.76
N LEU A 133 6.60 5.48 1.52
CA LEU A 133 6.49 6.01 2.88
C LEU A 133 7.43 5.33 3.88
N ASN A 134 7.64 4.00 3.71
CA ASN A 134 8.53 3.17 4.51
C ASN A 134 9.97 3.70 4.37
N GLN A 135 10.40 3.95 3.14
CA GLN A 135 11.72 4.50 2.87
C GLN A 135 11.79 5.94 3.37
N PHE A 136 10.71 6.73 3.16
CA PHE A 136 10.66 8.15 3.54
C PHE A 136 10.79 8.37 5.05
N LEU A 137 9.89 7.77 5.89
CA LEU A 137 9.90 7.86 7.36
C LEU A 137 11.18 7.33 7.99
N SER A 138 11.78 6.25 7.42
CA SER A 138 13.02 5.63 7.89
C SER A 138 14.16 6.64 8.02
N ARG A 139 14.16 7.68 7.15
CA ARG A 139 15.16 8.75 7.12
C ARG A 139 14.84 9.87 8.15
N HIS A 140 13.65 9.83 8.82
CA HIS A 140 13.22 10.84 9.81
C HIS A 140 13.03 10.28 11.22
N GLN A 141 13.00 11.17 12.24
CA GLN A 141 12.79 10.84 13.66
C GLN A 141 11.74 11.75 14.31
N PRO A 160 16.35 14.43 8.97
CA PRO A 160 15.13 15.25 8.82
C PRO A 160 14.07 14.98 9.89
N THR A 161 13.14 15.93 10.07
CA THR A 161 12.09 15.80 11.09
C THR A 161 10.69 16.18 10.61
N VAL A 162 9.71 15.31 10.97
CA VAL A 162 8.28 15.44 10.70
C VAL A 162 7.56 15.47 12.06
N SER A 163 6.87 16.59 12.36
CA SER A 163 6.13 16.85 13.60
C SER A 163 4.93 15.89 13.80
N TYR A 164 4.32 15.92 15.00
CA TYR A 164 3.14 15.09 15.28
C TYR A 164 1.98 15.43 14.32
N THR A 165 1.71 16.74 14.10
CA THR A 165 0.68 17.23 13.18
C THR A 165 0.81 16.60 11.79
N ASN A 166 2.06 16.59 11.23
CA ASN A 166 2.40 16.02 9.92
C ASN A 166 2.46 14.50 9.90
N LEU A 167 2.75 13.87 11.06
CA LEU A 167 2.74 12.41 11.22
C LEU A 167 1.27 11.95 11.16
N LYS A 168 0.38 12.71 11.87
CA LYS A 168 -1.07 12.50 11.94
C LYS A 168 -1.72 12.75 10.58
N PHE A 169 -1.20 13.73 9.82
CA PHE A 169 -1.69 14.13 8.51
C PHE A 169 -1.51 13.03 7.45
N MET A 170 -0.43 12.24 7.56
CA MET A 170 -0.15 11.14 6.63
C MET A 170 -1.11 9.96 6.83
N ALA A 171 -1.35 9.58 8.10
CA ALA A 171 -2.30 8.54 8.47
C ALA A 171 -3.77 8.92 8.16
N THR A 172 -4.12 10.24 8.23
CA THR A 172 -5.48 10.73 7.93
C THR A 172 -5.78 10.50 6.43
N GLN A 173 -4.83 10.93 5.56
CA GLN A 173 -4.86 10.71 4.10
C GLN A 173 -4.92 9.21 3.79
N ILE A 174 -4.22 8.34 4.57
CA ILE A 174 -4.28 6.88 4.37
C ILE A 174 -5.70 6.37 4.67
N ALA A 175 -6.31 6.83 5.79
CA ALA A 175 -7.67 6.47 6.21
C ALA A 175 -8.68 6.99 5.18
N SER A 176 -8.41 8.18 4.61
CA SER A 176 -9.19 8.85 3.56
C SER A 176 -9.18 8.04 2.27
N GLY A 177 -7.99 7.60 1.85
CA GLY A 177 -7.77 6.81 0.64
C GLY A 177 -8.36 5.43 0.76
N MET A 178 -8.39 4.91 2.00
CA MET A 178 -8.95 3.63 2.38
C MET A 178 -10.47 3.69 2.47
N LYS A 179 -11.00 4.87 2.90
CA LYS A 179 -12.43 5.23 2.98
C LYS A 179 -13.05 5.09 1.58
N TYR A 180 -12.27 5.44 0.53
CA TYR A 180 -12.64 5.35 -0.88
C TYR A 180 -12.76 3.91 -1.35
N LEU A 181 -11.68 3.11 -1.21
CA LEU A 181 -11.65 1.71 -1.62
C LEU A 181 -12.87 0.91 -1.11
N SER A 182 -13.20 1.06 0.21
CA SER A 182 -14.34 0.43 0.89
C SER A 182 -15.65 0.67 0.16
N SER A 183 -15.85 1.95 -0.29
CA SER A 183 -17.03 2.49 -0.97
C SER A 183 -17.26 1.97 -2.39
N LEU A 184 -16.25 1.31 -2.97
CA LEU A 184 -16.38 0.73 -4.31
C LEU A 184 -16.52 -0.79 -4.16
N ASN A 185 -16.58 -1.24 -2.87
CA ASN A 185 -16.64 -2.64 -2.40
C ASN A 185 -15.32 -3.35 -2.72
N PHE A 186 -14.23 -2.57 -2.81
CA PHE A 186 -12.88 -3.06 -3.09
C PHE A 186 -12.21 -3.37 -1.75
N VAL A 187 -11.34 -4.38 -1.73
CA VAL A 187 -10.54 -4.71 -0.53
C VAL A 187 -9.06 -4.71 -0.93
N HIS A 188 -8.25 -3.80 -0.35
CA HIS A 188 -6.81 -3.68 -0.67
C HIS A 188 -5.99 -4.97 -0.50
N ARG A 189 -6.20 -5.69 0.65
CA ARG A 189 -5.55 -6.95 1.10
C ARG A 189 -4.09 -6.79 1.58
N ASP A 190 -3.39 -5.70 1.16
CA ASP A 190 -2.00 -5.48 1.53
C ASP A 190 -1.71 -4.00 1.85
N LEU A 191 -2.41 -3.43 2.85
CA LEU A 191 -2.09 -2.07 3.27
C LEU A 191 -0.88 -2.07 4.24
N ALA A 192 0.20 -1.39 3.82
CA ALA A 192 1.43 -1.17 4.60
C ALA A 192 2.13 0.07 4.01
N THR A 193 3.08 0.68 4.77
CA THR A 193 3.80 1.90 4.39
C THR A 193 4.61 1.72 3.09
N ARG A 194 4.99 0.46 2.77
CA ARG A 194 5.71 0.10 1.54
C ARG A 194 4.80 0.22 0.32
N ASN A 195 3.48 0.13 0.53
CA ASN A 195 2.47 0.25 -0.52
C ASN A 195 1.86 1.66 -0.53
N CYS A 196 2.56 2.61 0.11
CA CYS A 196 2.20 4.02 0.22
C CYS A 196 3.28 4.86 -0.41
N LEU A 197 2.88 5.73 -1.37
CA LEU A 197 3.80 6.60 -2.07
C LEU A 197 3.71 8.04 -1.57
N VAL A 198 4.88 8.68 -1.38
CA VAL A 198 4.99 10.07 -0.91
C VAL A 198 5.24 11.09 -2.05
N GLY A 199 4.33 12.05 -2.15
CA GLY A 199 4.35 13.16 -3.08
C GLY A 199 4.96 14.39 -2.45
N LYS A 200 4.38 15.57 -2.74
CA LYS A 200 4.86 16.86 -2.21
C LYS A 200 4.08 17.22 -0.97
N ASN A 201 4.72 17.96 -0.04
CA ASN A 201 4.12 18.44 1.22
C ASN A 201 3.24 17.37 1.91
N TYR A 202 3.87 16.22 2.19
CA TYR A 202 3.39 15.00 2.89
C TYR A 202 2.14 14.35 2.26
N THR A 203 1.91 14.56 0.93
CA THR A 203 0.78 13.95 0.20
C THR A 203 1.02 12.44 0.01
N ILE A 204 0.10 11.61 0.55
CA ILE A 204 0.18 10.14 0.51
C ILE A 204 -0.83 9.53 -0.44
N LYS A 205 -0.34 8.67 -1.35
CA LYS A 205 -1.19 7.95 -2.28
C LYS A 205 -1.03 6.45 -2.04
N ILE A 206 -2.15 5.74 -2.01
CA ILE A 206 -2.10 4.31 -1.81
C ILE A 206 -1.96 3.60 -3.16
N ALA A 207 -1.00 2.68 -3.25
CA ALA A 207 -0.72 1.87 -4.42
C ALA A 207 -0.75 0.40 -3.98
N ASP A 208 -0.42 -0.53 -4.87
CA ASP A 208 -0.31 -1.97 -4.58
C ASP A 208 0.80 -2.55 -5.46
N PHE A 209 1.91 -2.90 -4.83
CA PHE A 209 3.08 -3.37 -5.53
C PHE A 209 3.24 -4.89 -5.61
N GLY A 210 2.49 -5.61 -4.81
CA GLY A 210 2.59 -7.07 -4.74
C GLY A 210 3.74 -7.43 -3.85
N MET A 211 4.35 -8.59 -4.10
CA MET A 211 5.50 -9.11 -3.35
CA MET A 211 5.48 -9.05 -3.32
C MET A 211 6.79 -8.66 -4.02
N SER A 212 6.77 -8.61 -5.38
CA SER A 212 7.84 -8.28 -6.33
C SER A 212 9.00 -7.40 -5.82
N ARG A 213 8.73 -6.30 -5.10
CA ARG A 213 9.79 -5.45 -4.55
C ARG A 213 10.58 -6.28 -3.52
N ASN A 214 11.78 -6.75 -3.93
CA ASN A 214 12.68 -7.65 -3.20
C ASN A 214 13.21 -7.08 -1.89
N LEU A 215 13.11 -5.75 -1.72
CA LEU A 215 13.50 -4.99 -0.53
C LEU A 215 12.59 -5.45 0.64
N TYR A 216 11.35 -5.81 0.27
CA TYR A 216 10.28 -6.27 1.13
C TYR A 216 9.95 -7.73 0.75
N SER A 217 10.81 -8.67 1.19
CA SER A 217 10.68 -10.11 0.97
C SER A 217 10.44 -10.78 2.32
N GLY A 218 10.98 -10.16 3.38
CA GLY A 218 10.85 -10.59 4.76
C GLY A 218 9.62 -10.00 5.42
N ASP A 219 8.69 -9.52 4.59
CA ASP A 219 7.41 -8.92 4.94
C ASP A 219 6.26 -9.79 4.42
N TYR A 220 6.60 -10.79 3.59
CA TYR A 220 5.66 -11.76 3.02
C TYR A 220 6.13 -13.18 3.27
N TYR A 221 5.19 -14.05 3.69
CA TYR A 221 5.37 -15.46 4.06
C TYR A 221 4.73 -16.44 3.06
N ARG A 222 5.56 -17.24 2.32
CA ARG A 222 5.05 -18.24 1.38
C ARG A 222 4.31 -19.30 2.16
N ILE A 223 3.05 -19.51 1.80
CA ILE A 223 2.13 -20.44 2.46
C ILE A 223 1.77 -21.62 1.53
N GLN A 224 1.71 -21.39 0.20
CA GLN A 224 1.39 -22.40 -0.81
C GLN A 224 1.75 -21.90 -2.20
N GLY A 225 2.56 -22.69 -2.93
CA GLY A 225 3.01 -22.36 -4.27
C GLY A 225 3.74 -21.02 -4.36
N ARG A 226 3.31 -20.15 -5.30
CA ARG A 226 3.83 -18.78 -5.52
C ARG A 226 3.05 -17.75 -4.66
N ALA A 227 2.01 -18.19 -3.91
CA ALA A 227 1.20 -17.32 -3.05
C ALA A 227 1.91 -17.01 -1.72
N VAL A 228 2.10 -15.71 -1.44
CA VAL A 228 2.78 -15.14 -0.29
C VAL A 228 1.78 -14.33 0.59
N LEU A 229 2.11 -14.07 1.88
CA LEU A 229 1.21 -13.36 2.81
C LEU A 229 1.87 -12.31 3.70
N PRO A 230 1.29 -11.10 3.79
CA PRO A 230 1.84 -10.09 4.70
C PRO A 230 1.27 -10.31 6.10
N ILE A 231 1.62 -11.47 6.68
CA ILE A 231 1.13 -12.01 7.95
C ILE A 231 1.23 -11.05 9.14
N ARG A 232 2.23 -10.13 9.16
CA ARG A 232 2.38 -9.17 10.26
C ARG A 232 1.32 -8.06 10.23
N TRP A 233 0.69 -7.82 9.04
CA TRP A 233 -0.39 -6.82 8.82
C TRP A 233 -1.80 -7.44 8.81
N MET A 234 -1.89 -8.78 8.74
CA MET A 234 -3.16 -9.49 8.58
C MET A 234 -3.83 -9.93 9.85
N SER A 235 -5.19 -9.84 9.87
CA SER A 235 -6.07 -10.25 10.96
C SER A 235 -6.13 -11.78 11.05
N TRP A 236 -6.53 -12.33 12.19
CA TRP A 236 -6.56 -13.79 12.33
C TRP A 236 -7.47 -14.48 11.32
N GLU A 237 -8.67 -13.90 11.05
CA GLU A 237 -9.64 -14.45 10.10
C GLU A 237 -9.11 -14.40 8.66
N SER A 238 -8.08 -13.56 8.45
CA SER A 238 -7.37 -13.39 7.18
C SER A 238 -6.31 -14.49 6.95
N ILE A 239 -5.61 -14.91 8.05
CA ILE A 239 -4.58 -15.96 8.05
C ILE A 239 -5.07 -17.18 8.82
N LEU A 240 -6.29 -17.64 8.55
CA LEU A 240 -6.88 -18.81 9.20
C LEU A 240 -8.02 -19.24 8.33
N LEU A 241 -8.87 -18.26 7.94
CA LEU A 241 -10.08 -18.48 7.15
C LEU A 241 -10.03 -17.82 5.78
N GLY A 242 -9.02 -16.99 5.53
CA GLY A 242 -8.85 -16.26 4.27
C GLY A 242 -10.00 -15.30 4.01
N LYS A 243 -10.59 -14.75 5.11
CA LYS A 243 -11.75 -13.84 5.12
C LYS A 243 -11.28 -12.39 5.03
N PHE A 244 -11.38 -11.83 3.79
CA PHE A 244 -10.95 -10.48 3.47
C PHE A 244 -12.11 -9.50 3.39
N THR A 245 -12.05 -8.50 4.25
CA THR A 245 -13.09 -7.48 4.42
C THR A 245 -12.43 -6.12 4.65
N THR A 246 -13.25 -5.05 4.72
CA THR A 246 -12.78 -3.70 5.04
C THR A 246 -12.21 -3.75 6.46
N ALA A 247 -12.79 -4.61 7.33
CA ALA A 247 -12.35 -4.82 8.71
C ALA A 247 -10.95 -5.45 8.72
N SER A 248 -10.62 -6.26 7.69
CA SER A 248 -9.29 -6.84 7.56
C SER A 248 -8.29 -5.75 7.20
N ASP A 249 -8.71 -4.81 6.30
CA ASP A 249 -7.95 -3.62 5.82
C ASP A 249 -7.72 -2.64 6.96
N VAL A 250 -8.73 -2.53 7.87
CA VAL A 250 -8.74 -1.75 9.11
C VAL A 250 -7.63 -2.31 10.05
N TRP A 251 -7.53 -3.65 10.18
CA TRP A 251 -6.49 -4.27 10.98
C TRP A 251 -5.11 -3.95 10.38
N ALA A 252 -5.01 -3.86 9.04
CA ALA A 252 -3.77 -3.50 8.34
C ALA A 252 -3.47 -2.04 8.62
N PHE A 253 -4.54 -1.18 8.63
CA PHE A 253 -4.45 0.25 8.97
C PHE A 253 -3.87 0.49 10.40
N GLY A 254 -4.31 -0.27 11.40
CA GLY A 254 -3.75 -0.20 12.74
C GLY A 254 -2.26 -0.50 12.77
N VAL A 255 -1.81 -1.50 11.98
CA VAL A 255 -0.40 -1.89 11.87
C VAL A 255 0.39 -0.84 11.05
N THR A 256 -0.28 -0.22 10.02
CA THR A 256 0.28 0.84 9.15
C THR A 256 0.46 2.16 9.97
N LEU A 257 -0.47 2.43 10.89
CA LEU A 257 -0.38 3.56 11.82
C LEU A 257 0.75 3.28 12.81
N TRP A 258 0.84 2.03 13.35
CA TRP A 258 1.89 1.63 14.30
C TRP A 258 3.24 1.86 13.67
N GLU A 259 3.40 1.39 12.41
CA GLU A 259 4.56 1.52 11.53
C GLU A 259 4.97 3.01 11.44
N THR A 260 3.98 3.88 11.15
CA THR A 260 4.12 5.33 10.99
C THR A 260 4.65 5.97 12.26
N PHE A 261 4.02 5.66 13.39
CA PHE A 261 4.35 6.18 14.70
C PHE A 261 5.67 5.63 15.26
N THR A 262 6.23 4.53 14.62
CA THR A 262 7.54 3.92 14.94
C THR A 262 8.62 4.33 13.91
N PHE A 263 8.21 5.03 12.84
CA PHE A 263 9.03 5.51 11.71
C PHE A 263 9.62 4.39 10.83
N CYS A 264 8.97 3.22 10.82
CA CYS A 264 9.37 2.04 10.03
C CYS A 264 10.81 1.55 10.38
N GLN A 265 11.25 1.89 11.61
CA GLN A 265 12.54 1.53 12.19
C GLN A 265 12.51 0.12 12.82
N GLU A 266 11.30 -0.34 13.19
CA GLU A 266 11.11 -1.68 13.78
C GLU A 266 10.06 -2.43 12.98
N GLN A 267 10.36 -3.68 12.59
CA GLN A 267 9.39 -4.50 11.86
C GLN A 267 8.27 -4.92 12.83
N PRO A 268 6.97 -5.03 12.41
CA PRO A 268 5.91 -5.43 13.35
C PRO A 268 6.17 -6.83 13.90
N TYR A 269 6.04 -6.99 15.25
CA TYR A 269 6.30 -8.25 15.95
C TYR A 269 7.79 -8.67 15.75
N SER A 270 8.68 -7.78 16.20
CA SER A 270 10.15 -7.88 16.10
C SER A 270 10.74 -9.18 16.71
N GLN A 271 10.36 -9.49 17.95
CA GLN A 271 10.77 -10.65 18.70
C GLN A 271 10.20 -11.96 18.16
N LEU A 272 9.04 -11.92 17.47
CA LEU A 272 8.40 -13.11 16.90
C LEU A 272 8.87 -13.38 15.48
N SER A 273 8.89 -14.68 15.12
CA SER A 273 9.30 -15.19 13.80
C SER A 273 8.06 -15.39 12.91
N ASP A 274 8.26 -15.61 11.60
CA ASP A 274 7.21 -15.89 10.62
C ASP A 274 6.26 -17.03 11.06
N GLU A 275 6.75 -17.96 11.89
CA GLU A 275 5.97 -19.07 12.42
C GLU A 275 5.34 -18.72 13.77
N GLN A 276 5.98 -17.79 14.53
CA GLN A 276 5.47 -17.33 15.83
C GLN A 276 4.32 -16.38 15.62
N VAL A 277 4.33 -15.63 14.48
CA VAL A 277 3.30 -14.66 14.06
C VAL A 277 2.01 -15.43 13.69
N ILE A 278 2.13 -16.53 12.93
CA ILE A 278 0.98 -17.35 12.57
C ILE A 278 0.49 -18.11 13.82
N GLU A 279 1.42 -18.39 14.76
CA GLU A 279 1.09 -19.03 16.04
C GLU A 279 0.25 -18.06 16.88
N ASN A 280 0.52 -16.74 16.75
CA ASN A 280 -0.17 -15.64 17.44
C ASN A 280 -1.62 -15.42 16.95
N THR A 281 -1.91 -15.73 15.68
CA THR A 281 -3.25 -15.61 15.08
C THR A 281 -4.25 -16.48 15.83
N GLY A 282 -3.86 -17.71 16.09
CA GLY A 282 -4.66 -18.67 16.85
C GLY A 282 -5.00 -18.17 18.24
N GLU A 283 -4.05 -17.44 18.89
CA GLU A 283 -4.22 -16.85 20.22
C GLU A 283 -5.18 -15.67 20.22
N PHE A 284 -5.25 -14.96 19.08
CA PHE A 284 -6.21 -13.87 18.92
C PHE A 284 -7.60 -14.50 18.88
N PHE A 285 -7.76 -15.59 18.09
CA PHE A 285 -9.00 -16.36 17.95
C PHE A 285 -9.42 -17.01 19.29
N ARG A 286 -8.54 -17.83 19.90
CA ARG A 286 -8.77 -18.52 21.18
C ARG A 286 -9.12 -17.56 22.31
N ASP A 287 -8.63 -16.28 22.24
CA ASP A 287 -8.89 -15.18 23.17
C ASP A 287 -8.82 -15.62 24.65
N GLN A 288 -7.66 -16.15 25.07
CA GLN A 288 -7.45 -16.65 26.43
C GLN A 288 -6.33 -15.89 27.18
N GLY A 289 -5.99 -14.71 26.65
CA GLY A 289 -4.95 -13.86 27.21
C GLY A 289 -3.55 -14.37 26.92
N ARG A 290 -3.38 -15.15 25.84
CA ARG A 290 -2.08 -15.70 25.46
C ARG A 290 -1.60 -15.10 24.12
N GLN A 291 -2.15 -13.94 23.74
CA GLN A 291 -1.82 -13.23 22.51
C GLN A 291 -0.95 -11.99 22.78
N THR A 292 -0.23 -11.58 21.75
CA THR A 292 0.67 -10.42 21.79
C THR A 292 0.21 -9.42 20.75
N TYR A 293 0.07 -8.16 21.18
CA TYR A 293 -0.31 -6.97 20.42
C TYR A 293 0.93 -6.09 20.21
N LEU A 294 0.86 -5.18 19.26
CA LEU A 294 1.96 -4.25 19.03
C LEU A 294 2.09 -3.26 20.22
N PRO A 295 3.32 -2.95 20.69
CA PRO A 295 3.45 -2.03 21.85
C PRO A 295 3.11 -0.59 21.50
N GLN A 296 2.77 0.23 22.53
CA GLN A 296 2.47 1.65 22.32
C GLN A 296 3.74 2.47 21.98
N PRO A 297 3.88 3.02 20.74
CA PRO A 297 5.09 3.83 20.41
C PRO A 297 5.34 4.99 21.38
N ALA A 298 6.61 5.33 21.58
CA ALA A 298 7.10 6.33 22.52
C ALA A 298 6.49 7.72 22.39
N ILE A 299 6.20 8.15 21.13
CA ILE A 299 5.66 9.45 20.73
C ILE A 299 4.21 9.35 20.18
N CYS A 300 3.44 8.39 20.69
CA CYS A 300 2.06 8.09 20.28
C CYS A 300 1.10 8.43 21.44
N PRO A 301 0.15 9.40 21.25
CA PRO A 301 -0.80 9.72 22.33
C PRO A 301 -1.62 8.50 22.71
N ASP A 302 -1.91 8.38 24.04
CA ASP A 302 -2.74 7.31 24.63
C ASP A 302 -3.98 7.01 23.77
N SER A 303 -4.63 8.09 23.24
CA SER A 303 -5.79 8.08 22.34
C SER A 303 -5.54 7.42 20.97
N VAL A 304 -4.32 7.62 20.39
CA VAL A 304 -3.94 7.03 19.10
C VAL A 304 -3.74 5.52 19.25
N TYR A 305 -3.09 5.09 20.34
CA TYR A 305 -2.92 3.66 20.64
C TYR A 305 -4.29 3.02 20.94
N GLU A 306 -5.25 3.80 21.49
CA GLU A 306 -6.61 3.32 21.76
C GLU A 306 -7.30 3.05 20.43
N LEU A 307 -7.06 3.94 19.43
CA LEU A 307 -7.57 3.80 18.08
C LEU A 307 -6.93 2.56 17.45
N MET A 308 -5.60 2.45 17.60
CA MET A 308 -4.82 1.31 17.08
C MET A 308 -5.43 0.00 17.57
N LEU A 309 -5.69 -0.11 18.89
CA LEU A 309 -6.29 -1.28 19.52
C LEU A 309 -7.61 -1.71 18.92
N SER A 310 -8.53 -0.76 18.67
CA SER A 310 -9.84 -1.03 18.08
C SER A 310 -9.77 -1.67 16.68
N CYS A 311 -8.64 -1.49 15.96
CA CYS A 311 -8.43 -2.12 14.66
C CYS A 311 -8.18 -3.60 14.83
N TRP A 312 -7.50 -3.97 15.94
CA TRP A 312 -7.05 -5.34 16.24
C TRP A 312 -7.99 -6.18 17.11
N ARG A 313 -9.14 -5.61 17.48
CA ARG A 313 -10.23 -6.22 18.23
C ARG A 313 -10.64 -7.49 17.52
N ARG A 314 -10.82 -8.57 18.26
CA ARG A 314 -11.09 -9.91 17.76
C ARG A 314 -12.23 -9.98 16.76
N ASP A 315 -13.41 -9.42 17.12
CA ASP A 315 -14.61 -9.44 16.27
C ASP A 315 -14.63 -8.35 15.21
N THR A 316 -14.77 -8.78 13.95
CA THR A 316 -14.84 -7.99 12.71
C THR A 316 -15.79 -6.79 12.81
N LYS A 317 -16.99 -7.04 13.39
CA LYS A 317 -18.03 -6.04 13.57
C LYS A 317 -17.60 -5.01 14.59
N ASN A 318 -16.83 -5.43 15.61
CA ASN A 318 -16.37 -4.53 16.69
C ASN A 318 -15.30 -3.52 16.28
N ARG A 319 -14.75 -3.68 15.08
CA ARG A 319 -13.71 -2.82 14.55
C ARG A 319 -14.27 -1.51 13.94
N PRO A 320 -13.52 -0.37 14.01
CA PRO A 320 -14.05 0.85 13.39
C PRO A 320 -14.01 0.73 11.87
N SER A 321 -14.87 1.51 11.22
CA SER A 321 -14.93 1.62 9.78
C SER A 321 -13.92 2.69 9.42
N PHE A 322 -13.59 2.85 8.13
CA PHE A 322 -12.68 3.91 7.71
C PHE A 322 -13.32 5.30 7.84
N GLN A 323 -14.66 5.36 7.83
CA GLN A 323 -15.43 6.59 8.01
C GLN A 323 -15.25 7.10 9.45
N GLU A 324 -15.29 6.14 10.42
CA GLU A 324 -15.10 6.35 11.86
C GLU A 324 -13.66 6.80 12.11
N ILE A 325 -12.67 6.01 11.59
CA ILE A 325 -11.22 6.27 11.64
C ILE A 325 -10.91 7.68 11.09
N HIS A 326 -11.37 7.99 9.86
CA HIS A 326 -11.15 9.30 9.23
C HIS A 326 -11.72 10.46 10.08
N ARG A 327 -12.94 10.28 10.64
CA ARG A 327 -13.62 11.25 11.51
C ARG A 327 -12.85 11.52 12.85
N LEU A 328 -12.08 10.53 13.34
CA LEU A 328 -11.29 10.70 14.56
C LEU A 328 -9.98 11.42 14.20
N LEU A 329 -9.48 11.11 12.98
CA LEU A 329 -8.23 11.63 12.41
C LEU A 329 -8.51 12.84 11.57
C1 4VD B . 3.32 3.06 -13.24
C2 4VD B . 2.64 2.23 -12.19
C3 4VD B . 1.76 1.21 -12.56
C5 4VD B . 1.54 0.48 -10.27
C6 4VD B . 1.05 -0.52 -9.26
C8 4VD B . -1.20 -0.48 -8.29
O9 4VD B . -1.55 -1.49 -8.92
C11 4VD B . -3.30 -0.12 -6.93
C12 4VD B . -4.09 -1.19 -7.35
C13 4VD B . -5.25 -1.52 -6.67
C14 4VD B . -5.64 -0.77 -5.56
C15 4VD B . -4.87 0.28 -5.19
C19 4VD B . 2.90 2.40 -10.83
C21 4VD B . 4.77 3.43 -9.58
C23 4VD B . 5.22 4.75 -9.03
C24 4VD B . 4.62 5.98 -9.02
C26 4VD B . 6.49 6.26 -8.00
C27 4VD B . 7.62 6.71 -7.27
C28 4VD B . 8.59 5.82 -6.93
C4 4VD B . 1.22 0.35 -11.62
N7 4VD B . 0.04 0.03 -8.37
N10 4VD B . -2.03 0.22 -7.43
F16 4VD B . -5.20 0.98 -4.07
C17 4VD B . -3.73 0.66 -5.85
C18 4VD B . 2.37 1.52 -9.88
N20 4VD B . 3.69 3.50 -10.41
O22 4VD B . 5.33 2.39 -9.27
N25 4VD B . 5.38 6.91 -8.39
C29 4VD B . 8.51 4.47 -7.33
C30 4VD B . 7.44 4.03 -8.05
N31 4VD B . 6.44 4.92 -8.37
H34 4VD B . 3.00 4.10 -13.19
H33 4VD B . 3.11 2.72 -14.25
H32 4VD B . 4.41 3.04 -13.15
H35 4VD B . 1.49 1.10 -13.60
H38 4VD B . 0.70 -1.42 -9.77
H37 4VD B . 1.89 -0.87 -8.66
H41 4VD B . -3.84 -1.78 -8.24
H42 4VD B . -5.87 -2.35 -6.99
H43 4VD B . -6.54 -1.04 -5.00
H47 4VD B . 3.63 6.24 -9.41
H48 4VD B . 7.69 7.78 -7.05
H49 4VD B . 9.45 6.14 -6.35
H36 4VD B . 0.55 -0.44 -11.95
H39 4VD B . 0.35 0.83 -7.83
H40 4VD B . -1.70 1.12 -7.10
H44 4VD B . -3.24 1.59 -5.59
H45 4VD B . 2.58 1.64 -8.82
H46 4VD B . 3.39 4.40 -10.78
H50 4VD B . 9.29 3.77 -7.04
H51 4VD B . 7.37 3.02 -8.40
#